data_8TE7
#
_entry.id   8TE7
#
_cell.length_a   136.895
_cell.length_b   136.895
_cell.length_c   94.903
_cell.angle_alpha   90.00
_cell.angle_beta   90.00
_cell.angle_gamma   120.00
#
_symmetry.space_group_name_H-M   'P 31 2 1'
#
loop_
_entity.id
_entity.type
_entity.pdbx_description
1 polymer 'TRNM-f.01 Fab Heavy Chain'
2 polymer 'TRNM-f.01 Fab Light Chain'
3 water water
#
loop_
_entity_poly.entity_id
_entity_poly.type
_entity_poly.pdbx_seq_one_letter_code
_entity_poly.pdbx_strand_id
1 'polypeptide(L)'
;QVQLQESGPGVVKPSETLSLTCAVSGDSIKSAYQYWNWIRQPRGKGPEWIGGVYSSSDSTAYNPSLESRVSISRDTSNNR
FSLNLRSVTATDTATYFCARSVRDSRGWGRYFLDTWGQGLLVTVSSASTKGPSVFPLAPSSRSTSESTAALGCLVKDYFP
EPVTVSWNSGSLTSGVHTFPAVLQSSGLYSLSSVVTVPSSSLGTQTYVCNVNHKPSNTKVDKRVEIKTCGGLEVLFQ
;
B
2 'polypeptide(L)'
;DIQMTQSPSSLSASVGDTVTITCRASQSISTWLAWYQQKPGKAPKVLIYSASILQSGVPSRFRGSGSGSDFTLTIGSLQI
EDFATYFCQQYTGSPFTFGGGTKVEIKRTVAAPSVFIFPPSEDQVKSGTVSVVCLLNNFYPREASVKWKVDGALKTGNSQ
ESVTEQDSKDNTYSLSSTLTLSSTEYQSHKVYACEVTHQGLSSPVTKSFNRGEC
;
C
#
# COMPACT_ATOMS: atom_id res chain seq x y z
N GLN A 1 5.66 -22.37 -17.49
CA GLN A 1 6.82 -21.67 -18.03
C GLN A 1 7.90 -21.46 -16.97
N VAL A 2 8.52 -20.28 -16.98
CA VAL A 2 9.65 -19.97 -16.11
C VAL A 2 9.11 -19.47 -14.77
N GLN A 3 9.72 -19.94 -13.68
CA GLN A 3 9.38 -19.50 -12.33
C GLN A 3 10.60 -18.82 -11.70
N LEU A 4 10.40 -17.61 -11.18
CA LEU A 4 11.36 -16.97 -10.29
C LEU A 4 10.75 -16.94 -8.90
N GLN A 5 11.47 -17.47 -7.91
CA GLN A 5 10.97 -17.62 -6.56
C GLN A 5 12.00 -17.04 -5.60
N GLU A 6 11.61 -15.98 -4.89
CA GLU A 6 12.54 -15.25 -4.04
C GLU A 6 12.26 -15.51 -2.56
N SER A 7 13.34 -15.56 -1.77
CA SER A 7 13.30 -15.75 -0.33
C SER A 7 14.17 -14.69 0.34
N GLY A 8 14.23 -14.75 1.67
CA GLY A 8 15.05 -13.82 2.42
C GLY A 8 14.30 -13.15 3.55
N PRO A 9 15.05 -12.54 4.48
CA PRO A 9 14.41 -11.89 5.62
C PRO A 9 13.56 -10.69 5.20
N GLY A 10 12.35 -10.61 5.75
CA GLY A 10 11.45 -9.51 5.53
C GLY A 10 11.70 -8.32 6.44
N VAL A 11 12.69 -8.41 7.32
CA VAL A 11 13.07 -7.35 8.23
C VAL A 11 14.59 -7.28 8.24
N VAL A 12 15.13 -6.06 8.16
CA VAL A 12 16.57 -5.83 8.19
C VAL A 12 16.85 -4.70 9.16
N LYS A 13 17.80 -4.91 10.06
CA LYS A 13 18.15 -3.91 11.04
C LYS A 13 18.97 -2.80 10.39
N PRO A 14 18.91 -1.58 10.93
CA PRO A 14 19.65 -0.46 10.33
C PRO A 14 21.14 -0.78 10.25
N SER A 15 21.74 -0.40 9.11
CA SER A 15 23.14 -0.59 8.73
C SER A 15 23.45 -2.03 8.34
N GLU A 16 22.53 -2.98 8.52
CA GLU A 16 22.82 -4.36 8.18
C GLU A 16 22.64 -4.61 6.70
N THR A 17 23.42 -5.55 6.17
CA THR A 17 23.32 -5.93 4.77
C THR A 17 21.99 -6.65 4.53
N LEU A 18 21.28 -6.24 3.47
CA LEU A 18 19.97 -6.81 3.14
C LEU A 18 20.17 -7.88 2.07
N SER A 19 19.93 -9.13 2.44
CA SER A 19 20.16 -10.27 1.56
C SER A 19 18.84 -10.80 1.02
N LEU A 20 18.79 -11.05 -0.29
CA LEU A 20 17.65 -11.67 -0.95
C LEU A 20 18.16 -12.62 -2.03
N THR A 21 17.41 -13.68 -2.26
CA THR A 21 17.83 -14.74 -3.18
C THR A 21 16.64 -15.15 -4.06
N CYS A 22 16.85 -15.16 -5.37
CA CYS A 22 15.83 -15.57 -6.32
C CYS A 22 16.24 -16.89 -6.94
N ALA A 23 15.33 -17.85 -6.96
CA ALA A 23 15.58 -19.19 -7.50
C ALA A 23 14.83 -19.37 -8.81
N VAL A 24 15.56 -19.78 -9.85
CA VAL A 24 15.03 -19.92 -11.20
C VAL A 24 14.53 -21.35 -11.41
N SER A 25 13.38 -21.48 -12.07
CA SER A 25 12.80 -22.78 -12.41
C SER A 25 12.37 -22.75 -13.86
N GLY A 26 12.59 -23.85 -14.57
CA GLY A 26 12.25 -23.90 -15.99
C GLY A 26 13.15 -23.08 -16.88
N ASP A 27 14.39 -22.84 -16.46
CA ASP A 27 15.35 -22.03 -17.22
C ASP A 27 16.73 -22.13 -16.58
N SER A 28 17.81 -22.17 -17.39
CA SER A 28 19.16 -22.09 -16.85
C SER A 28 19.58 -20.63 -16.79
N ILE A 29 20.16 -20.23 -15.65
CA ILE A 29 20.78 -18.92 -15.58
C ILE A 29 22.01 -18.87 -16.48
N LYS A 30 22.56 -20.05 -16.84
CA LYS A 30 23.72 -20.11 -17.72
C LYS A 30 23.38 -19.65 -19.14
N SER A 31 22.15 -19.92 -19.59
CA SER A 31 21.80 -19.71 -20.99
C SER A 31 22.04 -18.26 -21.41
N ALA A 32 22.69 -18.10 -22.56
CA ALA A 32 23.20 -16.80 -22.98
C ALA A 32 22.09 -15.80 -23.29
N TYR A 33 22.42 -14.53 -23.10
CA TYR A 33 21.61 -13.39 -23.54
C TYR A 33 20.37 -13.17 -22.67
N GLN A 34 20.51 -13.30 -21.36
CA GLN A 34 19.48 -12.86 -20.43
C GLN A 34 20.14 -12.19 -19.23
N TYR A 35 19.42 -11.24 -18.64
CA TYR A 35 19.92 -10.46 -17.51
C TYR A 35 19.05 -10.71 -16.30
N TRP A 36 19.68 -10.90 -15.15
CA TRP A 36 19.04 -11.34 -13.91
C TRP A 36 18.95 -10.14 -12.97
N ASN A 37 17.78 -9.51 -12.93
CA ASN A 37 17.63 -8.17 -12.38
C ASN A 37 17.02 -8.20 -10.99
N TRP A 38 17.15 -7.05 -10.33
CA TRP A 38 16.60 -6.81 -9.00
C TRP A 38 15.93 -5.44 -9.01
N ILE A 39 14.65 -5.40 -8.64
CA ILE A 39 13.85 -4.17 -8.71
C ILE A 39 13.11 -4.01 -7.39
N ARG A 40 13.02 -2.77 -6.91
CA ARG A 40 12.33 -2.47 -5.67
C ARG A 40 11.31 -1.36 -5.90
N GLN A 41 10.24 -1.42 -5.15
CA GLN A 41 9.09 -0.52 -5.30
C GLN A 41 8.64 -0.04 -3.92
N PRO A 42 8.89 1.22 -3.59
CA PRO A 42 8.30 1.79 -2.37
C PRO A 42 6.78 1.80 -2.48
N ARG A 43 6.12 1.87 -1.31
CA ARG A 43 4.66 1.81 -1.26
C ARG A 43 4.02 2.90 -2.09
N GLY A 44 3.36 2.50 -3.17
CA GLY A 44 2.65 3.46 -3.99
C GLY A 44 3.52 4.33 -4.87
N LYS A 45 4.72 3.87 -5.19
CA LYS A 45 5.65 4.60 -6.03
C LYS A 45 5.98 3.78 -7.26
N GLY A 46 6.78 4.38 -8.15
CA GLY A 46 7.22 3.73 -9.35
C GLY A 46 8.38 2.79 -9.08
N PRO A 47 8.40 1.66 -9.77
CA PRO A 47 9.49 0.71 -9.62
C PRO A 47 10.85 1.39 -9.83
N GLU A 48 11.87 0.82 -9.19
CA GLU A 48 13.25 1.30 -9.35
C GLU A 48 14.14 0.10 -9.65
N TRP A 49 14.68 0.05 -10.86
CA TRP A 49 15.68 -0.96 -11.19
C TRP A 49 17.00 -0.60 -10.51
N ILE A 50 17.67 -1.59 -9.92
CA ILE A 50 18.86 -1.26 -9.13
C ILE A 50 20.09 -2.00 -9.63
N GLY A 51 19.90 -3.13 -10.31
CA GLY A 51 21.05 -3.86 -10.80
C GLY A 51 20.66 -5.13 -11.51
N GLY A 52 21.68 -5.90 -11.91
CA GLY A 52 21.49 -7.17 -12.58
C GLY A 52 22.77 -7.88 -12.98
N VAL A 53 22.74 -9.21 -13.04
CA VAL A 53 23.88 -10.01 -13.50
C VAL A 53 23.58 -10.51 -14.90
N TYR A 54 24.62 -10.59 -15.71
CA TYR A 54 24.46 -11.24 -17.00
C TYR A 54 24.47 -12.75 -16.83
N SER A 55 23.88 -13.44 -17.79
CA SER A 55 23.64 -14.88 -17.65
C SER A 55 24.94 -15.67 -17.79
N SER A 56 25.63 -15.52 -18.92
CA SER A 56 26.75 -16.40 -19.26
C SER A 56 27.93 -16.22 -18.31
N SER A 57 28.43 -14.99 -18.17
CA SER A 57 29.51 -14.68 -17.23
C SER A 57 29.01 -13.71 -16.18
N ASP A 58 29.80 -13.57 -15.12
CA ASP A 58 29.44 -12.76 -13.96
C ASP A 58 29.68 -11.28 -14.27
N SER A 59 28.87 -10.75 -15.18
CA SER A 59 28.90 -9.34 -15.53
C SER A 59 27.76 -8.61 -14.82
N THR A 60 28.09 -7.51 -14.16
CA THR A 60 27.18 -6.82 -13.25
C THR A 60 27.01 -5.36 -13.67
N ALA A 61 25.78 -4.97 -13.95
CA ALA A 61 25.42 -3.58 -14.27
C ALA A 61 24.55 -3.03 -13.15
N TYR A 62 24.89 -1.84 -12.68
CA TYR A 62 24.39 -1.34 -11.41
C TYR A 62 23.77 0.04 -11.59
N ASN A 63 22.67 0.29 -10.91
CA ASN A 63 22.09 1.62 -10.90
C ASN A 63 23.04 2.56 -10.18
N PRO A 64 23.58 3.58 -10.84
CA PRO A 64 24.53 4.49 -10.17
C PRO A 64 24.00 5.10 -8.88
N SER A 65 22.68 5.15 -8.71
CA SER A 65 22.10 5.61 -7.46
C SER A 65 22.50 4.73 -6.27
N LEU A 66 23.05 3.54 -6.52
CA LEU A 66 23.31 2.61 -5.43
C LEU A 66 24.59 1.81 -5.55
N GLU A 67 25.43 2.00 -6.58
CA GLU A 67 26.58 1.15 -6.85
C GLU A 67 27.43 0.87 -5.60
N SER A 68 27.54 1.85 -4.72
CA SER A 68 28.37 1.70 -3.54
C SER A 68 27.82 0.65 -2.58
N ARG A 69 26.49 0.43 -2.60
CA ARG A 69 25.84 -0.40 -1.59
C ARG A 69 25.41 -1.78 -2.10
N VAL A 70 25.10 -1.90 -3.39
CA VAL A 70 24.54 -3.13 -3.93
C VAL A 70 25.67 -4.02 -4.44
N SER A 71 25.43 -5.34 -4.39
CA SER A 71 26.28 -6.34 -5.03
C SER A 71 25.39 -7.50 -5.44
N ILE A 72 25.45 -7.89 -6.71
CA ILE A 72 24.56 -8.90 -7.26
C ILE A 72 25.41 -9.99 -7.90
N SER A 73 25.02 -11.24 -7.68
CA SER A 73 25.77 -12.38 -8.21
C SER A 73 24.81 -13.43 -8.73
N ARG A 74 25.36 -14.43 -9.40
CA ARG A 74 24.62 -15.57 -9.93
C ARG A 74 25.29 -16.86 -9.46
N ASP A 75 24.47 -17.79 -8.94
CA ASP A 75 24.97 -19.10 -8.57
C ASP A 75 24.78 -20.03 -9.76
N THR A 76 25.90 -20.51 -10.30
CA THR A 76 25.88 -21.20 -11.58
C THR A 76 25.28 -22.60 -11.48
N SER A 77 25.60 -23.33 -10.41
CA SER A 77 25.06 -24.68 -10.26
C SER A 77 23.67 -24.64 -9.64
N ASN A 78 23.53 -24.01 -8.48
CA ASN A 78 22.26 -23.99 -7.75
C ASN A 78 21.18 -23.21 -8.49
N ASN A 79 21.56 -22.58 -9.60
CA ASN A 79 20.62 -21.90 -10.50
C ASN A 79 19.84 -20.82 -9.75
N ARG A 80 20.57 -20.03 -8.96
CA ARG A 80 20.00 -18.95 -8.17
C ARG A 80 20.79 -17.69 -8.46
N PHE A 81 20.22 -16.54 -8.09
CA PHE A 81 21.00 -15.32 -8.10
C PHE A 81 20.54 -14.45 -6.94
N SER A 82 21.49 -13.82 -6.26
CA SER A 82 21.24 -13.16 -4.99
C SER A 82 21.42 -11.65 -5.10
N LEU A 83 21.02 -10.95 -4.04
CA LEU A 83 21.15 -9.50 -3.94
C LEU A 83 21.72 -9.16 -2.57
N ASN A 84 22.58 -8.14 -2.52
CA ASN A 84 23.19 -7.73 -1.26
C ASN A 84 23.21 -6.21 -1.21
N LEU A 85 22.21 -5.63 -0.54
CA LEU A 85 22.11 -4.19 -0.34
C LEU A 85 22.68 -3.86 1.02
N ARG A 86 23.88 -3.27 1.02
CA ARG A 86 24.61 -2.99 2.26
C ARG A 86 24.03 -1.75 2.95
N SER A 87 24.20 -1.72 4.28
CA SER A 87 24.03 -0.51 5.09
C SER A 87 22.64 0.12 4.89
N VAL A 88 21.60 -0.66 5.14
CA VAL A 88 20.25 -0.19 4.85
C VAL A 88 19.86 0.94 5.80
N THR A 89 18.98 1.82 5.33
CA THR A 89 18.32 2.83 6.14
C THR A 89 16.81 2.65 5.95
N ALA A 90 16.05 3.60 6.50
CA ALA A 90 14.59 3.51 6.38
C ALA A 90 14.11 3.74 4.95
N THR A 91 14.91 4.41 4.12
CA THR A 91 14.55 4.65 2.73
C THR A 91 14.70 3.41 1.86
N ASP A 92 15.29 2.34 2.38
CA ASP A 92 15.40 1.08 1.66
C ASP A 92 14.21 0.15 1.91
N THR A 93 13.23 0.57 2.72
CA THR A 93 12.01 -0.19 2.88
C THR A 93 11.20 -0.15 1.59
N ALA A 94 10.94 -1.32 1.03
CA ALA A 94 10.20 -1.43 -0.23
C ALA A 94 9.86 -2.89 -0.46
N THR A 95 9.03 -3.12 -1.47
CA THR A 95 8.80 -4.45 -2.01
C THR A 95 9.88 -4.73 -3.04
N TYR A 96 10.57 -5.85 -2.87
CA TYR A 96 11.78 -6.14 -3.63
C TYR A 96 11.50 -7.28 -4.60
N PHE A 97 11.64 -7.00 -5.89
CA PHE A 97 11.35 -7.95 -6.96
C PHE A 97 12.64 -8.46 -7.59
N CYS A 98 12.66 -9.74 -7.93
CA CYS A 98 13.65 -10.30 -8.83
C CYS A 98 12.98 -10.55 -10.17
N ALA A 99 13.65 -10.15 -11.25
CA ALA A 99 13.05 -10.26 -12.57
C ALA A 99 14.13 -10.52 -13.60
N ARG A 100 13.72 -10.96 -14.78
CA ARG A 100 14.62 -11.36 -15.84
C ARG A 100 14.45 -10.46 -17.06
N SER A 101 15.54 -9.89 -17.54
CA SER A 101 15.58 -9.18 -18.82
C SER A 101 15.96 -10.14 -19.93
N VAL A 102 15.08 -10.24 -20.94
CA VAL A 102 15.47 -10.82 -22.22
C VAL A 102 15.73 -9.69 -23.20
N ARG A 103 16.06 -10.04 -24.43
CA ARG A 103 16.60 -9.10 -25.39
C ARG A 103 15.54 -8.81 -26.45
N ASP A 104 15.14 -7.54 -26.56
CA ASP A 104 14.32 -7.09 -27.67
C ASP A 104 15.04 -7.35 -28.97
N SER A 105 14.39 -8.08 -29.87
CA SER A 105 15.07 -8.54 -31.07
C SER A 105 15.03 -7.53 -32.22
N ARG A 106 14.21 -6.48 -32.11
CA ARG A 106 14.36 -5.39 -33.09
C ARG A 106 15.61 -4.58 -32.87
N GLY A 107 16.38 -4.88 -31.83
CA GLY A 107 17.52 -4.07 -31.46
C GLY A 107 18.66 -4.95 -30.98
N TRP A 108 19.77 -4.29 -30.66
CA TRP A 108 21.00 -5.00 -30.32
C TRP A 108 21.26 -5.01 -28.83
N GLY A 109 21.37 -3.83 -28.22
CA GLY A 109 21.63 -3.78 -26.79
C GLY A 109 20.40 -3.56 -25.96
N ARG A 110 19.25 -4.03 -26.43
CA ARG A 110 17.97 -3.67 -25.84
C ARG A 110 17.47 -4.85 -25.02
N TYR A 111 17.21 -4.61 -23.73
CA TYR A 111 16.97 -5.67 -22.76
C TYR A 111 15.75 -5.31 -21.93
N PHE A 112 14.60 -5.91 -22.23
CA PHE A 112 13.37 -5.60 -21.52
C PHE A 112 12.99 -6.72 -20.55
N LEU A 113 12.33 -6.34 -19.47
CA LEU A 113 11.95 -7.30 -18.44
C LEU A 113 10.74 -8.10 -18.90
N ASP A 114 10.78 -9.43 -18.73
CA ASP A 114 9.67 -10.28 -19.17
C ASP A 114 9.09 -11.21 -18.12
N THR A 115 9.79 -11.44 -17.00
CA THR A 115 9.34 -12.40 -16.00
C THR A 115 9.72 -11.89 -14.61
N TRP A 116 8.75 -11.85 -13.70
CA TRP A 116 8.95 -11.34 -12.35
C TRP A 116 8.55 -12.37 -11.31
N GLY A 117 9.27 -12.38 -10.19
CA GLY A 117 8.79 -13.08 -9.01
C GLY A 117 7.79 -12.25 -8.24
N GLN A 118 6.99 -12.92 -7.42
CA GLN A 118 5.83 -12.26 -6.83
C GLN A 118 6.23 -11.09 -5.94
N GLY A 119 7.40 -11.12 -5.36
CA GLY A 119 7.75 -9.95 -4.59
C GLY A 119 7.88 -10.24 -3.10
N LEU A 120 8.75 -9.49 -2.45
CA LEU A 120 9.04 -9.65 -1.02
C LEU A 120 9.17 -8.27 -0.41
N LEU A 121 8.14 -7.83 0.30
CA LEU A 121 8.25 -6.63 1.11
C LEU A 121 9.20 -6.89 2.27
N VAL A 122 10.32 -6.16 2.30
CA VAL A 122 11.23 -6.16 3.43
C VAL A 122 11.25 -4.76 4.04
N THR A 123 11.06 -4.69 5.36
CA THR A 123 10.93 -3.44 6.09
C THR A 123 12.09 -3.26 7.05
N VAL A 124 12.70 -2.07 7.02
CA VAL A 124 13.91 -1.79 7.77
C VAL A 124 13.56 -1.11 9.09
N SER A 125 13.92 -1.74 10.20
CA SER A 125 13.81 -1.13 11.52
C SER A 125 14.65 -1.93 12.48
N SER A 126 14.56 -1.59 13.78
CA SER A 126 15.39 -2.22 14.79
C SER A 126 14.59 -3.01 15.82
N ALA A 127 13.30 -3.23 15.61
CA ALA A 127 12.48 -3.83 16.64
C ALA A 127 12.60 -5.35 16.63
N SER A 128 12.30 -5.95 17.78
CA SER A 128 12.09 -7.38 17.88
C SER A 128 10.59 -7.65 17.90
N THR A 129 10.21 -8.86 17.47
CA THR A 129 8.79 -9.16 17.28
C THR A 129 8.03 -8.94 18.58
N LYS A 130 6.92 -8.23 18.48
CA LYS A 130 6.21 -7.69 19.63
C LYS A 130 4.71 -7.80 19.43
N GLY A 131 4.02 -8.40 20.40
CA GLY A 131 2.58 -8.50 20.37
C GLY A 131 1.93 -7.12 20.45
N PRO A 132 0.70 -7.00 19.95
CA PRO A 132 0.04 -5.70 19.89
C PRO A 132 -0.83 -5.41 21.10
N SER A 133 -1.05 -4.12 21.33
CA SER A 133 -2.04 -3.66 22.28
C SER A 133 -3.30 -3.26 21.53
N VAL A 134 -4.45 -3.68 22.05
CA VAL A 134 -5.72 -3.51 21.34
C VAL A 134 -6.67 -2.72 22.24
N PHE A 135 -7.13 -1.58 21.75
CA PHE A 135 -7.99 -0.70 22.54
C PHE A 135 -9.33 -0.52 21.82
N PRO A 136 -10.45 -0.63 22.52
CA PRO A 136 -11.75 -0.54 21.84
C PRO A 136 -12.06 0.87 21.38
N LEU A 137 -12.67 0.96 20.19
CA LEU A 137 -13.13 2.23 19.61
C LEU A 137 -14.65 2.19 19.56
N ALA A 138 -15.31 3.12 20.24
CA ALA A 138 -16.77 3.13 20.27
C ALA A 138 -17.25 4.54 20.58
N PRO A 139 -18.47 4.89 20.18
CA PRO A 139 -19.00 6.22 20.52
C PRO A 139 -19.25 6.34 22.02
N SER A 140 -18.95 7.52 22.56
CA SER A 140 -19.09 7.78 23.99
C SER A 140 -20.53 8.05 24.40
N SER A 141 -21.42 8.29 23.43
CA SER A 141 -22.85 8.32 23.63
C SER A 141 -23.51 7.61 22.46
N ARG A 142 -24.63 6.94 22.74
CA ARG A 142 -25.33 6.25 21.66
C ARG A 142 -25.81 7.27 20.63
N SER A 143 -25.27 7.20 19.42
CA SER A 143 -25.72 8.07 18.34
C SER A 143 -27.12 7.64 17.91
N THR A 144 -28.14 8.13 18.61
CA THR A 144 -29.51 7.69 18.35
C THR A 144 -30.05 8.22 17.03
N SER A 145 -29.66 9.45 16.65
CA SER A 145 -30.22 10.07 15.45
C SER A 145 -29.87 9.30 14.19
N GLU A 146 -28.69 8.68 14.14
CA GLU A 146 -28.29 7.90 12.98
C GLU A 146 -28.61 6.43 13.21
N SER A 147 -29.38 5.85 12.29
CA SER A 147 -29.87 4.49 12.44
C SER A 147 -28.77 3.44 12.38
N THR A 148 -27.56 3.81 11.96
CA THR A 148 -26.42 2.91 11.95
C THR A 148 -25.23 3.60 12.61
N ALA A 149 -24.53 2.87 13.48
CA ALA A 149 -23.37 3.37 14.20
C ALA A 149 -22.11 2.65 13.74
N ALA A 150 -20.97 3.19 14.15
CA ALA A 150 -19.66 2.64 13.81
C ALA A 150 -18.90 2.30 15.07
N LEU A 151 -18.34 1.09 15.11
CA LEU A 151 -17.44 0.62 16.16
C LEU A 151 -16.07 0.32 15.56
N GLY A 152 -15.19 -0.21 16.40
CA GLY A 152 -13.84 -0.50 15.97
C GLY A 152 -12.94 -0.78 17.15
N CYS A 153 -11.70 -1.16 16.83
CA CYS A 153 -10.67 -1.29 17.84
C CYS A 153 -9.31 -0.99 17.22
N LEU A 154 -8.42 -0.43 18.02
CA LEU A 154 -7.13 0.07 17.57
C LEU A 154 -6.04 -0.97 17.87
N VAL A 155 -5.41 -1.48 16.82
CA VAL A 155 -4.30 -2.41 16.95
C VAL A 155 -3.01 -1.60 16.88
N LYS A 156 -2.25 -1.57 17.97
CA LYS A 156 -1.21 -0.57 18.12
C LYS A 156 0.05 -1.18 18.71
N ASP A 157 1.20 -0.67 18.27
CA ASP A 157 2.53 -1.14 18.67
C ASP A 157 2.68 -2.64 18.55
N TYR A 158 3.13 -3.09 17.38
CA TYR A 158 3.40 -4.48 17.14
C TYR A 158 4.42 -4.55 16.00
N PHE A 159 5.18 -5.65 15.95
CA PHE A 159 6.08 -5.77 14.82
C PHE A 159 5.73 -7.03 14.04
N PRO A 160 6.63 -7.56 13.19
CA PRO A 160 6.30 -7.76 11.77
C PRO A 160 4.84 -7.88 11.39
N GLU A 161 4.51 -7.26 10.25
CA GLU A 161 3.19 -6.76 9.86
C GLU A 161 2.02 -7.75 9.85
N PRO A 162 2.23 -9.08 9.63
CA PRO A 162 1.07 -9.98 9.62
C PRO A 162 0.20 -9.94 10.87
N VAL A 163 -0.79 -9.06 10.88
CA VAL A 163 -1.82 -9.01 11.91
C VAL A 163 -3.17 -9.05 11.23
N THR A 164 -4.02 -9.98 11.65
CA THR A 164 -5.33 -10.22 11.04
C THR A 164 -6.42 -10.01 12.08
N VAL A 165 -7.45 -9.24 11.72
CA VAL A 165 -8.54 -8.91 12.62
C VAL A 165 -9.85 -9.46 12.06
N SER A 166 -10.66 -10.06 12.94
CA SER A 166 -11.99 -10.51 12.59
C SER A 166 -12.96 -10.07 13.67
N TRP A 167 -14.25 -10.14 13.35
CA TRP A 167 -15.29 -9.67 14.25
C TRP A 167 -16.30 -10.78 14.53
N ASN A 168 -16.66 -10.91 15.81
CA ASN A 168 -17.56 -11.97 16.28
C ASN A 168 -17.12 -13.34 15.77
N SER A 169 -15.81 -13.58 15.82
CA SER A 169 -15.19 -14.85 15.44
C SER A 169 -15.37 -15.19 13.97
N GLY A 170 -15.69 -14.20 13.13
CA GLY A 170 -15.83 -14.41 11.71
C GLY A 170 -17.24 -14.38 11.19
N SER A 171 -18.25 -14.23 12.05
CA SER A 171 -19.62 -14.11 11.57
C SER A 171 -19.88 -12.72 11.00
N LEU A 172 -19.42 -11.69 11.71
CA LEU A 172 -19.55 -10.31 11.25
C LEU A 172 -18.50 -10.04 10.19
N THR A 173 -18.90 -10.14 8.92
CA THR A 173 -18.03 -9.84 7.80
C THR A 173 -18.52 -8.65 6.99
N SER A 174 -19.69 -8.11 7.31
CA SER A 174 -20.32 -7.07 6.51
C SER A 174 -20.06 -5.70 7.13
N GLY A 175 -19.64 -4.75 6.30
CA GLY A 175 -19.33 -3.42 6.78
C GLY A 175 -18.02 -3.27 7.51
N VAL A 176 -17.22 -4.33 7.59
CA VAL A 176 -15.94 -4.27 8.28
C VAL A 176 -14.90 -3.67 7.33
N HIS A 177 -14.21 -2.63 7.79
CA HIS A 177 -13.10 -2.04 7.06
C HIS A 177 -11.86 -2.11 7.94
N THR A 178 -10.79 -2.70 7.40
CA THR A 178 -9.53 -2.90 8.13
C THR A 178 -8.42 -2.18 7.37
N PHE A 179 -7.94 -1.07 7.93
CA PHE A 179 -7.06 -0.18 7.22
C PHE A 179 -5.64 -0.74 7.18
N PRO A 180 -4.79 -0.24 6.28
CA PRO A 180 -3.42 -0.74 6.19
C PRO A 180 -2.58 -0.38 7.40
N ALA A 181 -1.63 -1.26 7.71
CA ALA A 181 -0.69 -1.00 8.80
C ALA A 181 0.21 0.18 8.45
N VAL A 182 0.66 0.88 9.48
CA VAL A 182 1.50 2.07 9.32
C VAL A 182 2.55 2.05 10.42
N LEU A 183 3.82 1.91 10.04
CA LEU A 183 4.91 2.09 11.00
C LEU A 183 4.87 3.50 11.55
N GLN A 184 4.66 3.60 12.86
CA GLN A 184 4.76 4.88 13.54
C GLN A 184 6.24 5.21 13.74
N SER A 185 6.50 6.40 14.28
CA SER A 185 7.88 6.80 14.51
C SER A 185 8.61 5.83 15.43
N SER A 186 7.86 5.14 16.30
CA SER A 186 8.47 4.22 17.25
C SER A 186 9.10 3.00 16.59
N GLY A 187 8.78 2.74 15.33
CA GLY A 187 9.22 1.51 14.69
C GLY A 187 8.26 0.36 14.83
N LEU A 188 7.02 0.63 15.26
CA LEU A 188 5.99 -0.39 15.39
C LEU A 188 4.76 0.05 14.62
N TYR A 189 3.98 -0.93 14.17
CA TYR A 189 2.84 -0.62 13.30
C TYR A 189 1.63 -0.20 14.11
N SER A 190 0.53 0.08 13.39
CA SER A 190 -0.74 0.49 13.97
C SER A 190 -1.85 0.44 12.94
N LEU A 191 -2.86 -0.42 13.17
CA LEU A 191 -4.07 -0.46 12.35
C LEU A 191 -5.26 -0.01 13.17
N SER A 192 -6.42 -0.05 12.50
CA SER A 192 -7.73 -0.04 13.15
C SER A 192 -8.70 -0.78 12.24
N SER A 193 -9.41 -1.74 12.80
CA SER A 193 -10.55 -2.36 12.13
C SER A 193 -11.81 -1.68 12.61
N VAL A 194 -12.72 -1.40 11.68
CA VAL A 194 -13.97 -0.73 12.02
C VAL A 194 -15.12 -1.47 11.36
N VAL A 195 -16.29 -1.38 11.99
CA VAL A 195 -17.49 -2.00 11.45
C VAL A 195 -18.65 -1.05 11.65
N THR A 196 -19.48 -0.92 10.61
CA THR A 196 -20.74 -0.20 10.72
C THR A 196 -21.86 -1.18 11.02
N VAL A 197 -22.79 -0.77 11.88
CA VAL A 197 -23.72 -1.67 12.55
C VAL A 197 -25.04 -0.91 12.73
N PRO A 198 -26.19 -1.56 12.55
CA PRO A 198 -27.46 -0.89 12.89
C PRO A 198 -27.47 -0.42 14.34
N SER A 199 -27.72 0.89 14.51
CA SER A 199 -27.61 1.50 15.83
C SER A 199 -28.57 0.88 16.83
N SER A 200 -29.71 0.37 16.36
CA SER A 200 -30.67 -0.26 17.27
C SER A 200 -30.08 -1.48 17.96
N SER A 201 -29.13 -2.16 17.31
CA SER A 201 -28.63 -3.43 17.84
C SER A 201 -27.50 -3.25 18.84
N LEU A 202 -27.27 -2.03 19.35
CA LEU A 202 -26.11 -1.75 20.18
C LEU A 202 -26.14 -2.51 21.50
N GLY A 203 -27.07 -2.14 22.39
CA GLY A 203 -27.11 -2.76 23.70
C GLY A 203 -27.56 -4.21 23.71
N THR A 204 -28.12 -4.71 22.62
CA THR A 204 -28.65 -6.08 22.57
C THR A 204 -27.72 -7.07 21.88
N GLN A 205 -26.88 -6.59 20.96
CA GLN A 205 -25.91 -7.43 20.27
C GLN A 205 -24.52 -7.01 20.70
N THR A 206 -23.71 -7.99 21.12
CA THR A 206 -22.34 -7.74 21.55
C THR A 206 -21.38 -7.83 20.36
N TYR A 207 -20.30 -7.04 20.43
CA TYR A 207 -19.38 -6.90 19.33
C TYR A 207 -17.94 -7.03 19.83
N VAL A 208 -17.18 -7.91 19.18
CA VAL A 208 -15.83 -8.28 19.63
C VAL A 208 -14.95 -8.38 18.40
N CYS A 209 -13.77 -7.77 18.45
CA CYS A 209 -12.77 -7.94 17.40
C CYS A 209 -11.73 -8.95 17.84
N ASN A 210 -11.19 -9.67 16.87
CA ASN A 210 -10.35 -10.83 17.12
C ASN A 210 -9.01 -10.62 16.42
N VAL A 211 -8.02 -10.15 17.18
CA VAL A 211 -6.73 -9.75 16.65
C VAL A 211 -5.75 -10.89 16.85
N ASN A 212 -5.17 -11.37 15.74
CA ASN A 212 -4.18 -12.43 15.76
C ASN A 212 -2.83 -11.87 15.30
N HIS A 213 -1.76 -12.48 15.81
CA HIS A 213 -0.40 -12.04 15.53
C HIS A 213 0.50 -13.28 15.54
N LYS A 214 0.80 -13.81 14.36
CA LYS A 214 1.55 -15.07 14.29
C LYS A 214 2.98 -14.94 14.80
N PRO A 215 3.80 -13.94 14.39
CA PRO A 215 5.19 -13.90 14.85
C PRO A 215 5.37 -13.56 16.33
N SER A 216 4.28 -13.58 17.10
CA SER A 216 4.37 -13.42 18.55
C SER A 216 3.36 -14.29 19.28
N ASN A 217 2.55 -15.07 18.58
CA ASN A 217 1.56 -15.97 19.18
C ASN A 217 0.59 -15.20 20.09
N THR A 218 0.16 -14.03 19.64
CA THR A 218 -0.74 -13.18 20.42
C THR A 218 -2.13 -13.23 19.80
N LYS A 219 -3.07 -13.84 20.52
CA LYS A 219 -4.50 -13.75 20.23
C LYS A 219 -5.18 -13.04 21.38
N VAL A 220 -5.83 -11.92 21.09
CA VAL A 220 -6.60 -11.16 22.07
C VAL A 220 -7.99 -10.90 21.47
N ASP A 221 -9.00 -10.94 22.34
CA ASP A 221 -10.37 -10.60 21.95
C ASP A 221 -10.83 -9.44 22.84
N LYS A 222 -11.11 -8.30 22.22
CA LYS A 222 -11.56 -7.11 22.92
C LYS A 222 -13.02 -6.82 22.60
N ARG A 223 -13.80 -6.53 23.64
CA ARG A 223 -15.21 -6.22 23.49
C ARG A 223 -15.39 -4.72 23.32
N VAL A 224 -16.33 -4.33 22.47
CA VAL A 224 -16.57 -2.94 22.13
C VAL A 224 -17.93 -2.56 22.69
N GLU A 225 -17.95 -1.54 23.56
CA GLU A 225 -19.17 -1.05 24.16
C GLU A 225 -19.15 0.47 24.21
N ILE A 226 -20.34 1.06 24.29
CA ILE A 226 -20.44 2.51 24.45
C ILE A 226 -19.61 2.97 25.62
N LYS A 227 -18.81 4.01 25.41
CA LYS A 227 -17.95 4.53 26.47
C LYS A 227 -18.76 5.04 27.64
N THR A 228 -18.23 4.80 28.85
CA THR A 228 -18.73 5.52 30.02
C THR A 228 -18.03 6.87 30.05
N CYS A 229 -17.88 7.42 31.24
CA CYS A 229 -17.29 8.74 31.37
C CYS A 229 -16.19 8.86 32.41
N GLY A 230 -16.10 7.96 33.37
CA GLY A 230 -14.84 7.76 34.06
C GLY A 230 -14.17 6.53 33.50
N GLY A 231 -14.26 5.44 34.25
CA GLY A 231 -13.89 4.16 33.72
C GLY A 231 -15.10 3.33 33.36
N LEU A 232 -14.90 2.45 32.37
CA LEU A 232 -15.93 1.51 31.98
C LEU A 232 -15.93 0.29 32.89
N GLU A 233 -16.33 -0.86 32.38
CA GLU A 233 -16.64 -2.01 33.22
C GLU A 233 -16.66 -3.27 32.36
N VAL A 234 -16.88 -4.41 33.00
CA VAL A 234 -16.77 -5.72 32.38
C VAL A 234 -18.13 -6.41 32.45
N ASP B 1 19.74 10.39 -15.54
CA ASP B 1 18.79 9.43 -16.11
C ASP B 1 18.08 10.00 -17.32
N ILE B 2 17.47 9.12 -18.09
CA ILE B 2 16.26 9.46 -18.83
C ILE B 2 15.10 9.29 -17.88
N GLN B 3 14.24 10.30 -17.78
CA GLN B 3 13.25 10.36 -16.73
C GLN B 3 11.86 10.20 -17.33
N MET B 4 11.18 9.11 -16.97
CA MET B 4 9.93 8.74 -17.59
C MET B 4 8.79 9.40 -16.82
N THR B 5 7.94 10.13 -17.53
CA THR B 5 6.86 10.91 -16.93
C THR B 5 5.53 10.31 -17.37
N GLN B 6 4.97 9.43 -16.54
CA GLN B 6 3.68 8.82 -16.85
C GLN B 6 2.57 9.77 -16.41
N SER B 7 1.67 10.13 -17.32
CA SER B 7 0.90 11.34 -17.06
C SER B 7 -0.28 11.14 -16.10
N PRO B 8 -1.41 10.43 -16.48
CA PRO B 8 -2.48 10.27 -15.49
C PRO B 8 -1.99 9.62 -14.20
N SER B 9 -1.76 10.42 -13.15
CA SER B 9 -1.39 9.87 -11.85
C SER B 9 -2.37 8.78 -11.43
N SER B 10 -3.67 9.06 -11.59
CA SER B 10 -4.69 8.02 -11.58
C SER B 10 -5.84 8.51 -12.45
N LEU B 11 -6.88 7.70 -12.55
CA LEU B 11 -8.03 8.03 -13.37
C LEU B 11 -9.13 7.02 -13.10
N SER B 12 -10.36 7.48 -13.21
CA SER B 12 -11.54 6.68 -12.91
C SER B 12 -12.28 6.40 -14.21
N ALA B 13 -12.43 5.13 -14.56
CA ALA B 13 -13.10 4.73 -15.78
C ALA B 13 -14.16 3.69 -15.45
N SER B 14 -15.20 3.63 -16.29
CA SER B 14 -16.24 2.63 -16.19
C SER B 14 -15.94 1.48 -17.14
N VAL B 15 -16.46 0.30 -16.80
CA VAL B 15 -16.19 -0.90 -17.58
C VAL B 15 -16.76 -0.72 -18.98
N GLY B 16 -15.89 -0.76 -19.98
CA GLY B 16 -16.25 -0.52 -21.37
C GLY B 16 -15.65 0.72 -21.99
N ASP B 17 -15.06 1.63 -21.20
CA ASP B 17 -14.47 2.85 -21.73
C ASP B 17 -13.20 2.55 -22.53
N THR B 18 -12.56 3.59 -23.07
CA THR B 18 -11.29 3.45 -23.78
C THR B 18 -10.27 4.35 -23.07
N VAL B 19 -9.68 3.81 -22.00
CA VAL B 19 -8.70 4.57 -21.24
C VAL B 19 -7.42 4.74 -22.05
N THR B 20 -6.74 5.87 -21.84
CA THR B 20 -5.50 6.18 -22.55
C THR B 20 -4.47 6.63 -21.51
N ILE B 21 -3.59 5.72 -21.14
CA ILE B 21 -2.44 6.05 -20.31
C ILE B 21 -1.30 6.52 -21.22
N THR B 22 -0.54 7.50 -20.75
CA THR B 22 0.52 8.10 -21.57
C THR B 22 1.78 8.33 -20.75
N CYS B 23 2.93 8.05 -21.37
CA CYS B 23 4.24 8.13 -20.74
C CYS B 23 5.18 8.91 -21.66
N ARG B 24 6.11 9.65 -21.06
CA ARG B 24 6.90 10.62 -21.83
C ARG B 24 8.32 10.66 -21.32
N ALA B 25 9.29 10.52 -22.22
CA ALA B 25 10.69 10.46 -21.85
C ALA B 25 11.32 11.84 -21.94
N SER B 26 12.40 12.03 -21.18
CA SER B 26 13.01 13.36 -21.08
C SER B 26 14.04 13.53 -22.19
N GLN B 27 13.96 12.64 -23.19
CA GLN B 27 14.80 12.62 -24.39
C GLN B 27 14.44 11.40 -25.22
N SER B 28 14.94 11.33 -26.45
CA SER B 28 14.55 10.26 -27.36
C SER B 28 15.10 8.92 -26.87
N ILE B 29 14.23 7.90 -26.84
CA ILE B 29 14.56 6.56 -26.40
C ILE B 29 14.27 5.52 -27.49
N SER B 30 14.09 5.99 -28.72
CA SER B 30 13.90 5.17 -29.90
C SER B 30 12.64 4.35 -29.65
N THR B 31 12.65 3.04 -29.84
CA THR B 31 11.42 2.26 -29.66
C THR B 31 11.51 1.32 -28.47
N TRP B 32 12.37 1.62 -27.50
CA TRP B 32 12.68 0.70 -26.40
C TRP B 32 11.94 1.19 -25.16
N LEU B 33 10.66 0.85 -25.08
CA LEU B 33 9.81 1.22 -23.95
C LEU B 33 8.82 0.10 -23.71
N ALA B 34 8.91 -0.56 -22.56
CA ALA B 34 8.00 -1.61 -22.19
C ALA B 34 6.79 -1.05 -21.44
N TRP B 35 5.71 -1.83 -21.43
CA TRP B 35 4.48 -1.48 -20.75
C TRP B 35 4.12 -2.64 -19.84
N TYR B 36 3.73 -2.34 -18.59
CA TYR B 36 3.51 -3.38 -17.60
C TYR B 36 2.20 -3.16 -16.85
N GLN B 37 1.53 -4.26 -16.51
CA GLN B 37 0.38 -4.24 -15.61
C GLN B 37 0.81 -4.80 -14.27
N GLN B 38 0.26 -4.24 -13.19
CA GLN B 38 0.56 -4.74 -11.85
C GLN B 38 -0.71 -4.78 -11.02
N LYS B 39 -1.19 -5.99 -10.74
CA LYS B 39 -2.17 -6.11 -9.68
C LYS B 39 -1.47 -5.96 -8.33
N PRO B 40 -2.20 -5.52 -7.30
CA PRO B 40 -1.57 -5.36 -5.98
C PRO B 40 -1.17 -6.70 -5.38
N GLY B 41 0.00 -6.68 -4.72
CA GLY B 41 0.55 -7.87 -4.09
C GLY B 41 1.07 -8.91 -5.06
N LYS B 42 0.83 -8.76 -6.36
CA LYS B 42 1.26 -9.70 -7.37
C LYS B 42 2.43 -9.14 -8.16
N ALA B 43 3.11 -10.04 -8.87
CA ALA B 43 4.24 -9.64 -9.68
C ALA B 43 3.77 -8.92 -10.94
N PRO B 44 4.48 -7.89 -11.39
CA PRO B 44 4.07 -7.21 -12.62
C PRO B 44 4.11 -8.15 -13.81
N LYS B 45 3.13 -7.99 -14.70
CA LYS B 45 3.03 -8.78 -15.91
C LYS B 45 3.35 -7.90 -17.11
N VAL B 46 4.19 -8.41 -18.01
CA VAL B 46 4.63 -7.65 -19.16
C VAL B 46 3.51 -7.58 -20.19
N LEU B 47 3.24 -6.38 -20.69
CA LEU B 47 2.08 -6.12 -21.53
C LEU B 47 2.44 -5.81 -22.97
N ILE B 48 3.40 -4.91 -23.19
CA ILE B 48 3.85 -4.50 -24.51
C ILE B 48 5.34 -4.20 -24.45
N TYR B 49 6.08 -4.64 -25.47
CA TYR B 49 7.48 -4.27 -25.62
C TYR B 49 7.70 -3.75 -27.03
N SER B 50 8.95 -3.43 -27.35
CA SER B 50 9.27 -2.47 -28.42
C SER B 50 8.50 -1.20 -28.05
N ALA B 51 7.69 -0.63 -28.93
CA ALA B 51 6.73 0.39 -28.52
C ALA B 51 5.30 -0.02 -28.79
N SER B 52 5.07 -0.99 -29.69
CA SER B 52 3.74 -1.50 -29.98
C SER B 52 3.65 -3.02 -29.97
N ILE B 53 4.77 -3.75 -29.97
CA ILE B 53 4.74 -5.20 -30.04
C ILE B 53 4.14 -5.78 -28.76
N LEU B 54 3.16 -6.66 -28.93
CA LEU B 54 2.33 -7.16 -27.85
C LEU B 54 2.78 -8.56 -27.43
N GLN B 55 3.08 -8.72 -26.14
CA GLN B 55 3.52 -10.01 -25.62
C GLN B 55 2.48 -11.08 -25.89
N SER B 56 2.96 -12.28 -26.20
CA SER B 56 2.08 -13.40 -26.49
C SER B 56 1.22 -13.74 -25.28
N GLY B 57 -0.08 -13.90 -25.51
CA GLY B 57 -1.03 -14.13 -24.46
C GLY B 57 -1.75 -12.89 -23.98
N VAL B 58 -1.15 -11.72 -24.16
CA VAL B 58 -1.82 -10.49 -23.74
C VAL B 58 -3.04 -10.25 -24.62
N PRO B 59 -4.20 -9.91 -24.05
CA PRO B 59 -5.36 -9.61 -24.89
C PRO B 59 -5.10 -8.44 -25.82
N SER B 60 -5.83 -8.40 -26.94
CA SER B 60 -5.70 -7.32 -27.92
C SER B 60 -6.44 -6.06 -27.50
N ARG B 61 -6.97 -6.01 -26.26
CA ARG B 61 -7.39 -4.79 -25.60
C ARG B 61 -6.34 -3.73 -25.87
N PHE B 62 -5.09 -4.17 -25.79
CA PHE B 62 -3.97 -3.38 -25.33
C PHE B 62 -3.21 -2.89 -26.56
N ARG B 63 -3.07 -1.59 -26.70
CA ARG B 63 -2.53 -1.01 -27.92
C ARG B 63 -1.53 0.07 -27.56
N GLY B 64 -0.26 -0.25 -27.70
CA GLY B 64 0.82 0.69 -27.41
C GLY B 64 1.28 1.35 -28.71
N SER B 65 1.76 2.58 -28.58
CA SER B 65 2.20 3.35 -29.73
C SER B 65 3.21 4.40 -29.26
N GLY B 66 3.47 5.40 -30.10
CA GLY B 66 4.42 6.43 -29.80
C GLY B 66 5.83 6.09 -30.27
N SER B 67 6.64 7.13 -30.45
CA SER B 67 8.00 6.97 -30.95
C SER B 67 8.87 8.08 -30.39
N GLY B 68 10.13 7.73 -30.12
CA GLY B 68 11.11 8.71 -29.69
C GLY B 68 10.99 9.17 -28.26
N SER B 69 10.14 10.17 -28.01
CA SER B 69 10.08 10.86 -26.73
C SER B 69 8.66 10.91 -26.16
N ASP B 70 7.75 10.11 -26.70
CA ASP B 70 6.34 10.27 -26.36
C ASP B 70 5.58 8.99 -26.72
N PHE B 71 4.94 8.37 -25.73
CA PHE B 71 4.34 7.05 -25.89
C PHE B 71 2.94 7.02 -25.29
N THR B 72 2.22 5.94 -25.57
CA THR B 72 0.82 5.84 -25.19
C THR B 72 0.40 4.38 -25.12
N LEU B 73 -0.20 4.00 -23.99
CA LEU B 73 -0.91 2.74 -23.85
C LEU B 73 -2.41 3.01 -23.90
N THR B 74 -3.11 2.27 -24.74
CA THR B 74 -4.54 2.49 -24.97
C THR B 74 -5.28 1.18 -24.73
N ILE B 75 -6.26 1.22 -23.83
CA ILE B 75 -7.02 0.03 -23.44
C ILE B 75 -8.46 0.32 -23.83
N GLY B 76 -8.85 -0.05 -25.04
CA GLY B 76 -10.25 0.04 -25.42
C GLY B 76 -11.03 -1.18 -24.94
N SER B 77 -12.33 -0.97 -24.73
CA SER B 77 -13.21 -2.02 -24.25
C SER B 77 -12.64 -2.66 -22.99
N LEU B 78 -12.83 -2.00 -21.86
CA LEU B 78 -12.14 -2.33 -20.63
C LEU B 78 -12.94 -3.33 -19.81
N GLN B 79 -12.39 -4.53 -19.63
CA GLN B 79 -12.98 -5.53 -18.75
C GLN B 79 -12.69 -5.19 -17.29
N ILE B 80 -13.21 -6.01 -16.38
CA ILE B 80 -13.05 -5.72 -14.95
C ILE B 80 -11.62 -6.06 -14.49
N GLU B 81 -11.03 -7.15 -15.02
CA GLU B 81 -9.68 -7.50 -14.57
C GLU B 81 -8.63 -6.66 -15.21
N ASP B 82 -9.08 -5.71 -16.02
CA ASP B 82 -8.20 -4.69 -16.56
C ASP B 82 -7.83 -3.63 -15.52
N PHE B 83 -8.53 -3.57 -14.40
CA PHE B 83 -8.32 -2.53 -13.39
C PHE B 83 -7.07 -2.84 -12.59
N ALA B 84 -6.02 -2.05 -12.79
CA ALA B 84 -4.77 -2.19 -12.03
C ALA B 84 -3.90 -0.94 -12.18
N THR B 85 -2.60 -1.09 -11.90
CA THR B 85 -1.64 -0.02 -12.09
C THR B 85 -0.71 -0.39 -13.24
N TYR B 86 -0.40 0.59 -14.08
CA TYR B 86 0.37 0.36 -15.29
C TYR B 86 1.64 1.21 -15.27
N PHE B 87 2.76 0.60 -15.68
CA PHE B 87 4.07 1.23 -15.62
C PHE B 87 4.74 1.14 -16.98
N CYS B 88 5.07 2.29 -17.54
CA CYS B 88 6.00 2.32 -18.66
C CYS B 88 7.43 2.12 -18.16
N GLN B 89 8.28 1.62 -19.05
CA GLN B 89 9.67 1.33 -18.71
C GLN B 89 10.53 1.45 -19.95
N GLN B 90 11.57 2.27 -19.87
CA GLN B 90 12.49 2.47 -20.97
C GLN B 90 13.71 1.59 -20.75
N TYR B 91 14.00 0.73 -21.73
CA TYR B 91 15.14 -0.18 -21.65
C TYR B 91 16.20 0.14 -22.70
N THR B 92 16.53 1.43 -22.82
CA THR B 92 17.73 1.83 -23.54
C THR B 92 18.96 1.17 -22.93
N GLY B 93 19.13 1.31 -21.63
CA GLY B 93 20.20 0.64 -20.93
C GLY B 93 20.28 1.10 -19.50
N SER B 94 21.36 0.71 -18.84
CA SER B 94 21.59 1.11 -17.46
C SER B 94 21.75 2.63 -17.37
N PRO B 95 21.13 3.29 -16.38
CA PRO B 95 20.17 2.73 -15.43
C PRO B 95 18.78 2.68 -16.04
N PHE B 96 18.18 1.48 -16.11
CA PHE B 96 16.80 1.36 -16.58
C PHE B 96 15.88 2.10 -15.62
N THR B 97 15.00 2.93 -16.18
CA THR B 97 14.09 3.76 -15.40
C THR B 97 12.65 3.35 -15.70
N PHE B 98 11.75 3.81 -14.83
CA PHE B 98 10.35 3.39 -14.85
C PHE B 98 9.45 4.61 -14.87
N GLY B 99 8.17 4.37 -15.17
CA GLY B 99 7.19 5.41 -15.06
C GLY B 99 6.64 5.50 -13.65
N GLY B 100 6.21 6.72 -13.28
CA GLY B 100 5.61 6.92 -11.96
C GLY B 100 4.40 6.04 -11.72
N GLY B 101 3.58 5.82 -12.74
CA GLY B 101 2.44 4.93 -12.63
C GLY B 101 1.08 5.54 -12.88
N THR B 102 0.12 4.73 -13.33
CA THR B 102 -1.26 5.16 -13.52
C THR B 102 -2.19 4.08 -12.98
N LYS B 103 -2.96 4.41 -11.94
CA LYS B 103 -3.92 3.49 -11.35
C LYS B 103 -5.28 3.73 -12.00
N VAL B 104 -5.73 2.77 -12.80
CA VAL B 104 -7.04 2.83 -13.43
C VAL B 104 -8.07 2.31 -12.45
N GLU B 105 -9.00 3.16 -12.04
CA GLU B 105 -9.93 2.85 -10.97
C GLU B 105 -11.36 2.81 -11.49
N ILE B 106 -12.24 2.22 -10.69
CA ILE B 106 -13.64 2.09 -11.05
C ILE B 106 -14.36 3.40 -10.75
N LYS B 107 -15.09 3.92 -11.74
CA LYS B 107 -15.95 5.09 -11.55
C LYS B 107 -17.36 4.65 -11.21
N ARG B 108 -17.85 5.05 -10.03
CA ARG B 108 -19.24 4.81 -9.64
C ARG B 108 -19.75 5.97 -8.80
N THR B 109 -20.69 6.74 -9.36
CA THR B 109 -21.42 7.83 -8.73
C THR B 109 -20.56 8.71 -7.82
N VAL B 110 -21.18 9.24 -6.77
CA VAL B 110 -20.51 10.01 -5.72
C VAL B 110 -21.18 9.64 -4.40
N ALA B 111 -20.37 9.38 -3.38
CA ALA B 111 -20.87 9.13 -2.03
C ALA B 111 -20.17 10.06 -1.05
N ALA B 112 -20.88 10.41 0.01
CA ALA B 112 -20.35 11.27 1.04
C ALA B 112 -19.87 10.44 2.23
N PRO B 113 -18.77 10.83 2.88
CA PRO B 113 -18.25 10.03 3.99
C PRO B 113 -19.17 10.09 5.20
N SER B 114 -19.54 8.92 5.72
CA SER B 114 -20.15 8.86 7.04
C SER B 114 -19.08 9.09 8.08
N VAL B 115 -19.19 10.18 8.85
CA VAL B 115 -18.11 10.67 9.70
C VAL B 115 -18.38 10.24 11.14
N PHE B 116 -17.36 9.65 11.77
CA PHE B 116 -17.41 9.25 13.17
C PHE B 116 -16.11 9.64 13.83
N ILE B 117 -16.17 9.98 15.12
CA ILE B 117 -14.99 10.30 15.90
C ILE B 117 -14.97 9.41 17.14
N PHE B 118 -13.79 8.95 17.51
CA PHE B 118 -13.63 7.95 18.56
C PHE B 118 -12.66 8.45 19.61
N PRO B 119 -13.08 8.66 20.85
CA PRO B 119 -12.16 9.11 21.88
C PRO B 119 -11.38 7.95 22.45
N PRO B 120 -10.30 8.21 23.18
CA PRO B 120 -9.50 7.10 23.71
C PRO B 120 -10.14 6.48 24.94
N SER B 121 -9.98 5.17 25.06
CA SER B 121 -10.41 4.48 26.28
C SER B 121 -9.41 4.75 27.40
N GLU B 122 -9.91 4.74 28.64
CA GLU B 122 -9.04 4.91 29.80
C GLU B 122 -7.91 3.88 29.79
N ASP B 123 -8.15 2.72 29.19
CA ASP B 123 -7.09 1.76 28.92
C ASP B 123 -5.90 2.43 28.25
N GLN B 124 -6.17 3.20 27.20
CA GLN B 124 -5.11 3.82 26.41
C GLN B 124 -4.57 5.09 27.07
N VAL B 125 -5.42 5.83 27.80
CA VAL B 125 -4.95 7.00 28.55
C VAL B 125 -3.98 6.59 29.64
N LYS B 126 -4.13 5.37 30.18
CA LYS B 126 -3.24 4.89 31.22
C LYS B 126 -1.80 4.79 30.74
N SER B 127 -1.59 4.52 29.45
CA SER B 127 -0.26 4.27 28.90
C SER B 127 0.49 5.54 28.53
N GLY B 128 -0.08 6.72 28.79
CA GLY B 128 0.61 7.97 28.59
C GLY B 128 0.46 8.57 27.21
N THR B 129 0.09 7.79 26.20
CA THR B 129 -0.10 8.28 24.85
C THR B 129 -1.44 7.77 24.34
N VAL B 130 -2.25 8.68 23.82
CA VAL B 130 -3.60 8.38 23.35
C VAL B 130 -3.68 8.56 21.85
N SER B 131 -4.68 7.95 21.26
CA SER B 131 -4.94 8.03 19.82
C SER B 131 -6.43 8.30 19.61
N VAL B 132 -6.75 9.48 19.08
CA VAL B 132 -8.12 9.83 18.71
C VAL B 132 -8.25 9.63 17.21
N VAL B 133 -9.14 8.74 16.79
CA VAL B 133 -9.28 8.37 15.38
C VAL B 133 -10.55 9.00 14.83
N CYS B 134 -10.43 9.66 13.68
CA CYS B 134 -11.58 10.12 12.92
C CYS B 134 -11.78 9.20 11.71
N LEU B 135 -13.02 8.88 11.42
CA LEU B 135 -13.34 7.87 10.41
C LEU B 135 -14.15 8.50 9.30
N LEU B 136 -13.81 8.15 8.06
CA LEU B 136 -14.53 8.58 6.86
C LEU B 136 -15.00 7.30 6.16
N ASN B 137 -16.27 6.95 6.31
CA ASN B 137 -16.76 5.66 5.84
C ASN B 137 -17.40 5.77 4.48
N ASN B 138 -17.03 4.86 3.58
CA ASN B 138 -17.80 4.49 2.40
C ASN B 138 -18.16 5.71 1.56
N PHE B 139 -17.13 6.35 1.01
CA PHE B 139 -17.31 7.53 0.17
C PHE B 139 -16.54 7.36 -1.12
N TYR B 140 -16.86 8.22 -2.09
CA TYR B 140 -16.23 8.25 -3.39
C TYR B 140 -16.41 9.66 -3.92
N PRO B 141 -15.38 10.25 -4.54
CA PRO B 141 -14.06 9.68 -4.84
C PRO B 141 -13.10 9.75 -3.65
N ARG B 142 -11.79 9.78 -3.90
CA ARG B 142 -10.84 9.71 -2.81
C ARG B 142 -10.69 11.06 -2.10
N GLU B 143 -10.49 12.12 -2.87
CA GLU B 143 -10.06 13.40 -2.30
C GLU B 143 -10.93 13.82 -1.13
N ALA B 144 -10.32 13.91 0.05
CA ALA B 144 -11.01 14.29 1.27
C ALA B 144 -10.02 14.93 2.22
N SER B 145 -10.33 16.14 2.68
CA SER B 145 -9.52 16.85 3.67
C SER B 145 -10.08 16.60 5.06
N VAL B 146 -9.18 16.42 6.02
CA VAL B 146 -9.56 16.15 7.41
C VAL B 146 -8.70 17.06 8.29
N LYS B 147 -9.29 18.15 8.77
CA LYS B 147 -8.68 18.90 9.85
C LYS B 147 -9.01 18.26 11.19
N TRP B 148 -8.12 18.48 12.16
CA TRP B 148 -8.46 18.34 13.57
C TRP B 148 -8.40 19.73 14.20
N LYS B 149 -9.44 20.08 14.94
CA LYS B 149 -9.51 21.35 15.66
C LYS B 149 -9.67 21.06 17.15
N VAL B 150 -8.68 21.47 17.94
CA VAL B 150 -8.59 21.14 19.35
C VAL B 150 -8.04 22.32 20.14
N ASP B 151 -8.87 22.91 21.00
CA ASP B 151 -10.28 22.61 21.16
C ASP B 151 -11.11 23.65 20.42
N GLY B 152 -10.44 24.71 19.97
CA GLY B 152 -11.06 25.73 19.17
C GLY B 152 -10.35 25.92 17.84
N ALA B 153 -9.03 25.90 17.87
CA ALA B 153 -8.20 26.05 16.68
C ALA B 153 -7.53 24.73 16.34
N LEU B 154 -7.09 24.61 15.09
CA LEU B 154 -6.72 23.32 14.54
C LEU B 154 -5.33 22.89 14.97
N LYS B 155 -5.11 21.58 14.95
CA LYS B 155 -3.84 20.96 15.28
C LYS B 155 -3.12 20.55 14.00
N THR B 156 -1.86 20.94 13.87
CA THR B 156 -1.04 20.63 12.71
C THR B 156 -0.02 19.56 13.10
N GLY B 157 0.10 18.53 12.27
CA GLY B 157 0.94 17.40 12.60
C GLY B 157 0.21 16.41 13.49
N ASN B 158 0.92 15.35 13.88
CA ASN B 158 0.45 14.31 14.79
C ASN B 158 -0.71 13.49 14.21
N SER B 159 -1.10 13.71 12.97
CA SER B 159 -2.28 13.07 12.38
C SER B 159 -1.87 12.26 11.15
N GLN B 160 -1.67 10.96 11.34
CA GLN B 160 -1.47 10.04 10.24
C GLN B 160 -2.82 9.49 9.78
N GLU B 161 -3.20 9.81 8.55
CA GLU B 161 -4.39 9.19 7.97
C GLU B 161 -3.98 8.02 7.06
N SER B 162 -4.92 7.10 6.88
CA SER B 162 -4.67 5.89 6.11
C SER B 162 -5.97 5.47 5.45
N VAL B 163 -5.88 5.03 4.18
CA VAL B 163 -7.04 4.84 3.32
C VAL B 163 -7.07 3.39 2.84
N THR B 164 -8.28 2.86 2.66
CA THR B 164 -8.47 1.54 2.11
C THR B 164 -8.53 1.59 0.58
N GLU B 165 -8.73 0.42 -0.03
CA GLU B 165 -8.95 0.32 -1.45
C GLU B 165 -10.45 0.33 -1.74
N GLN B 166 -10.81 0.52 -3.00
CA GLN B 166 -12.21 0.49 -3.38
C GLN B 166 -12.84 -0.83 -2.96
N ASP B 167 -13.84 -0.75 -2.07
CA ASP B 167 -14.51 -1.93 -1.55
C ASP B 167 -15.01 -2.79 -2.70
N SER B 168 -14.81 -4.11 -2.56
CA SER B 168 -15.08 -5.03 -3.66
C SER B 168 -16.51 -4.92 -4.15
N LYS B 169 -17.45 -4.63 -3.25
CA LYS B 169 -18.87 -4.66 -3.60
C LYS B 169 -19.35 -3.33 -4.16
N ASP B 170 -19.09 -2.23 -3.43
CA ASP B 170 -19.62 -0.93 -3.78
C ASP B 170 -18.60 0.03 -4.39
N ASN B 171 -17.31 -0.32 -4.39
CA ASN B 171 -16.25 0.47 -5.02
C ASN B 171 -16.08 1.85 -4.42
N THR B 172 -16.63 2.07 -3.22
CA THR B 172 -16.21 3.17 -2.37
C THR B 172 -15.17 2.67 -1.39
N TYR B 173 -14.59 3.60 -0.64
CA TYR B 173 -13.52 3.28 0.28
C TYR B 173 -13.50 4.31 1.42
N SER B 174 -12.58 4.09 2.36
CA SER B 174 -12.67 4.76 3.65
C SER B 174 -11.30 5.23 4.13
N LEU B 175 -11.28 6.40 4.77
CA LEU B 175 -10.09 7.04 5.31
C LEU B 175 -10.12 6.99 6.83
N SER B 176 -8.92 6.99 7.45
CA SER B 176 -8.82 6.88 8.91
C SER B 176 -7.73 7.82 9.41
N SER B 177 -8.12 9.04 9.76
CA SER B 177 -7.19 10.02 10.32
C SER B 177 -7.07 9.78 11.83
N THR B 178 -5.85 9.57 12.31
CA THR B 178 -5.61 9.20 13.70
C THR B 178 -4.74 10.27 14.34
N LEU B 179 -5.32 11.03 15.26
CA LEU B 179 -4.59 12.03 16.03
C LEU B 179 -4.04 11.40 17.30
N THR B 180 -2.73 11.59 17.55
CA THR B 180 -2.07 11.01 18.70
C THR B 180 -1.39 12.09 19.51
N LEU B 181 -1.54 12.01 20.84
CA LEU B 181 -1.00 13.01 21.74
C LEU B 181 -0.46 12.31 22.99
N SER B 182 0.22 13.11 23.83
CA SER B 182 0.45 12.70 25.21
C SER B 182 -0.89 12.63 25.93
N SER B 183 -0.99 11.68 26.85
CA SER B 183 -2.15 11.66 27.74
C SER B 183 -2.23 12.95 28.55
N THR B 184 -1.08 13.57 28.83
CA THR B 184 -1.07 14.81 29.60
C THR B 184 -1.68 15.97 28.82
N GLU B 185 -1.36 16.06 27.52
CA GLU B 185 -1.97 17.08 26.67
C GLU B 185 -3.41 16.75 26.32
N TYR B 186 -3.74 15.46 26.25
CA TYR B 186 -5.13 15.07 25.99
C TYR B 186 -6.03 15.57 27.10
N GLN B 187 -5.60 15.40 28.36
CA GLN B 187 -6.39 15.83 29.50
C GLN B 187 -6.42 17.34 29.66
N SER B 188 -5.47 18.05 29.06
CA SER B 188 -5.38 19.50 29.18
C SER B 188 -6.35 20.24 28.26
N HIS B 189 -7.11 19.54 27.44
CA HIS B 189 -8.07 20.15 26.54
C HIS B 189 -9.42 19.47 26.67
N LYS B 190 -10.44 20.09 26.10
CA LYS B 190 -11.82 19.62 26.23
C LYS B 190 -12.38 19.17 24.89
N VAL B 191 -12.85 20.10 24.05
CA VAL B 191 -13.54 19.72 22.82
C VAL B 191 -12.53 19.22 21.80
N TYR B 192 -12.74 18.00 21.29
CA TYR B 192 -11.93 17.47 20.21
C TYR B 192 -12.80 17.22 18.99
N ALA B 193 -12.40 17.77 17.85
CA ALA B 193 -13.21 17.76 16.64
C ALA B 193 -12.34 17.38 15.44
N CYS B 194 -12.96 16.67 14.50
CA CYS B 194 -12.35 16.38 13.21
C CYS B 194 -13.28 16.94 12.12
N GLU B 195 -12.77 17.92 11.38
CA GLU B 195 -13.54 18.57 10.33
C GLU B 195 -13.15 17.95 8.99
N VAL B 196 -14.14 17.47 8.25
CA VAL B 196 -13.91 16.71 7.03
C VAL B 196 -14.42 17.55 5.85
N THR B 197 -13.68 17.52 4.75
CA THR B 197 -14.00 18.31 3.56
C THR B 197 -13.93 17.39 2.34
N HIS B 198 -15.08 17.16 1.72
CA HIS B 198 -15.18 16.24 0.59
C HIS B 198 -16.24 16.78 -0.36
N GLN B 199 -16.21 16.30 -1.60
CA GLN B 199 -17.01 16.90 -2.66
C GLN B 199 -18.50 16.57 -2.50
N GLY B 200 -18.81 15.33 -2.17
CA GLY B 200 -20.19 14.88 -2.16
C GLY B 200 -21.07 15.35 -1.01
N LEU B 201 -20.80 16.54 -0.48
CA LEU B 201 -21.59 17.05 0.64
C LEU B 201 -21.41 18.56 0.72
N SER B 202 -22.51 19.27 0.93
CA SER B 202 -22.61 20.68 0.55
C SER B 202 -21.79 21.62 1.42
N SER B 203 -21.25 21.14 2.54
CA SER B 203 -20.40 21.94 3.41
C SER B 203 -19.73 21.01 4.41
N PRO B 204 -18.57 21.38 4.94
CA PRO B 204 -17.83 20.45 5.83
C PRO B 204 -18.66 19.95 7.00
N VAL B 205 -18.32 18.75 7.47
CA VAL B 205 -18.96 18.15 8.65
C VAL B 205 -17.92 18.01 9.74
N THR B 206 -18.39 18.15 10.98
CA THR B 206 -17.55 18.09 12.17
C THR B 206 -18.21 17.19 13.20
N LYS B 207 -17.43 16.26 13.76
CA LYS B 207 -17.85 15.43 14.89
C LYS B 207 -16.92 15.67 16.07
N SER B 208 -17.49 15.71 17.27
CA SER B 208 -16.74 16.11 18.45
C SER B 208 -17.18 15.32 19.67
N PHE B 209 -16.29 15.29 20.66
CA PHE B 209 -16.60 14.86 22.01
C PHE B 209 -16.02 15.89 22.96
N ASN B 210 -16.77 16.24 23.99
CA ASN B 210 -16.32 17.33 24.85
C ASN B 210 -15.37 16.82 25.92
N ARG B 211 -15.60 15.62 26.45
CA ARG B 211 -14.66 14.91 27.31
C ARG B 211 -14.31 15.67 28.59
N GLY B 212 -14.70 16.94 28.68
CA GLY B 212 -14.83 17.63 29.95
C GLY B 212 -16.17 17.23 30.53
N GLU B 213 -16.66 16.13 29.95
CA GLU B 213 -17.90 15.45 30.20
C GLU B 213 -17.81 14.15 29.41
N CYS B 214 -17.14 13.16 30.00
CA CYS B 214 -16.92 11.80 29.50
C CYS B 214 -15.58 11.69 28.79
#